data_4QGM
#
_entry.id   4QGM
#
_cell.length_a   106.215
_cell.length_b   49.522
_cell.length_c   33.349
_cell.angle_alpha   90.00
_cell.angle_beta   99.95
_cell.angle_gamma   90.00
#
_symmetry.space_group_name_H-M   'C 1 2 1'
#
loop_
_entity.id
_entity.type
_entity.pdbx_description
1 polymer 'Acireductone dioxygenase'
2 non-polymer 'CADMIUM ION'
3 water water
#
_entity_poly.entity_id   1
_entity_poly.type   'polypeptide(L)'
_entity_poly.pdbx_seq_one_letter_code
;GAAAMAQIRIHEVNTRIENEVKVSKFLQEEGVLYEKWNISKLPPHLNENYSLTDENKAEILAVFSKEIADVSARRGYKAH
DVISLSNSTPNLDELLINFQKEHHHTDDEVRFIVSGHGIFAIEGKDGTFFDVELEPGDLISVPENARHYFTLQDDRQVVA
IRIFVTTEGWVPIY
;
_entity_poly.pdbx_strand_id   A
#
loop_
_chem_comp.id
_chem_comp.type
_chem_comp.name
_chem_comp.formula
CD non-polymer 'CADMIUM ION' 'Cd 2'
#
# COMPACT_ATOMS: atom_id res chain seq x y z
N ALA A 2 -20.98 -7.69 -7.35
CA ALA A 2 -20.52 -7.99 -5.97
C ALA A 2 -19.21 -8.79 -5.98
N ALA A 3 -18.23 -8.29 -6.72
CA ALA A 3 -16.83 -8.67 -6.53
C ALA A 3 -16.11 -7.43 -5.97
N ALA A 4 -15.29 -7.66 -4.96
CA ALA A 4 -14.71 -6.58 -4.18
C ALA A 4 -13.19 -6.59 -4.34
N MET A 5 -12.64 -5.41 -4.58
CA MET A 5 -11.21 -5.19 -4.55
C MET A 5 -11.00 -3.94 -3.75
N ALA A 6 -10.02 -3.92 -2.86
CA ALA A 6 -9.69 -2.67 -2.19
C ALA A 6 -10.87 -1.98 -1.55
N GLN A 7 -11.55 -2.66 -0.62
CA GLN A 7 -12.66 -2.10 0.15
C GLN A 7 -12.30 -1.08 1.21
N ILE A 8 -13.29 -0.25 1.56
CA ILE A 8 -13.12 0.82 2.52
C ILE A 8 -14.03 0.54 3.72
N ARG A 9 -13.50 0.79 4.93
CA ARG A 9 -14.33 0.82 6.15
C ARG A 9 -14.24 2.18 6.82
N ILE A 10 -15.30 2.96 6.72
CA ILE A 10 -15.31 4.27 7.33
C ILE A 10 -15.48 4.13 8.83
N HIS A 11 -14.66 4.86 9.58
CA HIS A 11 -14.42 4.56 10.99
C HIS A 11 -15.52 4.77 12.03
N GLU A 12 -16.03 6.00 12.13
CA GLU A 12 -16.88 6.36 13.27
C GLU A 12 -18.29 5.83 13.07
N VAL A 13 -18.68 5.66 11.82
CA VAL A 13 -20.02 5.21 11.49
C VAL A 13 -20.04 3.74 11.10
N ASN A 14 -18.91 3.04 11.21
CA ASN A 14 -18.75 1.64 10.77
C ASN A 14 -19.57 1.29 9.48
N THR A 15 -19.10 1.83 8.37
CA THR A 15 -19.72 1.63 7.07
C THR A 15 -18.68 1.17 6.08
N ARG A 16 -19.09 0.27 5.20
CA ARG A 16 -18.18 -0.29 4.27
C ARG A 16 -18.64 0.07 2.89
N ILE A 17 -17.72 0.55 2.06
CA ILE A 17 -17.94 0.70 0.64
C ILE A 17 -17.16 -0.41 -0.05
N GLU A 18 -17.85 -1.26 -0.78
CA GLU A 18 -17.21 -2.39 -1.41
C GLU A 18 -17.33 -2.39 -2.92
N ASN A 19 -18.41 -1.86 -3.44
CA ASN A 19 -18.59 -1.88 -4.86
C ASN A 19 -17.41 -1.11 -5.35
N GLU A 20 -16.78 -1.58 -6.41
CA GLU A 20 -15.44 -1.11 -6.78
C GLU A 20 -15.41 0.25 -7.49
N VAL A 21 -16.50 0.64 -8.15
CA VAL A 21 -16.61 2.00 -8.66
C VAL A 21 -16.81 3.03 -7.52
N LYS A 22 -17.68 2.71 -6.56
CA LYS A 22 -17.91 3.55 -5.37
C LYS A 22 -16.62 3.78 -4.58
N VAL A 23 -15.73 2.79 -4.58
CA VAL A 23 -14.49 2.88 -3.81
C VAL A 23 -13.45 3.76 -4.49
N SER A 24 -13.30 3.60 -5.79
CA SER A 24 -12.27 4.34 -6.50
C SER A 24 -12.70 5.80 -6.57
N LYS A 25 -13.98 6.05 -6.78
CA LYS A 25 -14.51 7.41 -6.71
C LYS A 25 -14.27 8.01 -5.34
N PHE A 26 -14.52 7.24 -4.29
CA PHE A 26 -14.34 7.69 -2.90
C PHE A 26 -12.91 8.09 -2.62
N LEU A 27 -11.99 7.24 -3.02
CA LEU A 27 -10.59 7.49 -2.82
C LEU A 27 -10.15 8.69 -3.63
N GLN A 28 -10.75 8.88 -4.80
CA GLN A 28 -10.54 10.08 -5.61
C GLN A 28 -10.86 11.40 -4.87
N GLU A 29 -12.00 11.44 -4.15
CA GLU A 29 -12.46 12.63 -3.40
C GLU A 29 -11.46 12.98 -2.28
N GLU A 30 -10.83 11.94 -1.73
CA GLU A 30 -9.98 12.07 -0.57
C GLU A 30 -8.48 12.21 -0.96
N GLY A 31 -8.20 12.39 -2.24
CA GLY A 31 -6.82 12.65 -2.68
C GLY A 31 -5.94 11.43 -2.84
N VAL A 32 -6.50 10.23 -2.67
CA VAL A 32 -5.75 8.98 -2.73
C VAL A 32 -5.92 8.27 -4.05
N LEU A 33 -4.80 8.02 -4.72
CA LEU A 33 -4.79 7.21 -5.92
C LEU A 33 -5.01 5.77 -5.51
N TYR A 34 -5.79 5.07 -6.33
CA TYR A 34 -5.90 3.63 -6.27
C TYR A 34 -5.86 3.09 -7.69
N GLU A 35 -4.94 2.17 -7.95
CA GLU A 35 -4.86 1.52 -9.23
C GLU A 35 -4.85 0.03 -8.94
N LYS A 36 -5.37 -0.72 -9.91
CA LYS A 36 -5.22 -2.16 -9.95
C LYS A 36 -4.33 -2.51 -11.14
N TRP A 37 -3.27 -3.24 -10.85
CA TRP A 37 -2.34 -3.76 -11.83
C TRP A 37 -2.54 -5.23 -12.07
N ASN A 38 -1.85 -5.78 -13.06
CA ASN A 38 -2.03 -7.19 -13.45
C ASN A 38 -1.28 -8.12 -12.52
N ILE A 39 -1.83 -8.36 -11.35
CA ILE A 39 -1.16 -9.23 -10.40
C ILE A 39 -1.04 -10.65 -10.99
N SER A 40 -1.90 -10.93 -11.97
CA SER A 40 -1.84 -12.15 -12.80
C SER A 40 -0.65 -12.17 -13.80
N LYS A 41 0.02 -11.03 -13.98
CA LYS A 41 1.31 -10.96 -14.69
C LYS A 41 2.41 -11.49 -13.78
N LEU A 42 2.06 -11.91 -12.57
CA LEU A 42 3.06 -12.37 -11.60
C LEU A 42 3.29 -13.87 -11.77
N PRO A 43 4.55 -14.32 -11.71
CA PRO A 43 4.81 -15.76 -11.78
C PRO A 43 4.34 -16.52 -10.55
N PRO A 44 4.05 -17.80 -10.71
CA PRO A 44 3.57 -18.53 -9.57
C PRO A 44 4.61 -18.66 -8.46
N HIS A 45 5.88 -18.72 -8.78
CA HIS A 45 6.93 -18.89 -7.76
C HIS A 45 7.01 -17.72 -6.81
N LEU A 46 6.64 -16.55 -7.33
CA LEU A 46 6.64 -15.31 -6.58
C LEU A 46 5.28 -15.03 -5.93
N ASN A 47 4.25 -15.79 -6.32
CA ASN A 47 2.92 -15.72 -5.71
C ASN A 47 3.03 -16.23 -4.26
N GLU A 48 2.82 -15.33 -3.31
CA GLU A 48 2.84 -15.63 -1.87
C GLU A 48 4.21 -16.13 -1.40
N ASN A 49 5.27 -15.50 -1.87
CA ASN A 49 6.62 -15.86 -1.48
C ASN A 49 7.16 -14.70 -0.63
N TYR A 50 7.33 -14.93 0.67
CA TYR A 50 7.85 -13.92 1.63
C TYR A 50 9.31 -14.24 2.04
N SER A 51 9.78 -15.42 1.65
CA SER A 51 11.19 -15.79 1.70
C SER A 51 11.77 -15.21 0.42
N LEU A 52 11.88 -13.89 0.32
CA LEU A 52 12.30 -13.23 -0.91
C LEU A 52 13.81 -13.04 -0.98
N THR A 53 14.40 -13.49 -2.09
CA THR A 53 15.80 -13.26 -2.35
C THR A 53 15.96 -12.07 -3.28
N ASP A 54 17.20 -11.68 -3.55
CA ASP A 54 17.48 -10.50 -4.37
C ASP A 54 17.17 -10.74 -5.89
N GLU A 55 17.42 -11.96 -6.39
CA GLU A 55 16.96 -12.37 -7.71
C GLU A 55 15.43 -12.33 -7.78
N ASN A 56 14.77 -12.54 -6.64
CA ASN A 56 13.30 -12.43 -6.57
C ASN A 56 12.79 -11.00 -6.62
N LYS A 57 13.34 -10.15 -5.76
CA LYS A 57 12.88 -8.79 -5.66
C LYS A 57 13.10 -8.06 -6.99
N ALA A 58 14.26 -8.24 -7.59
CA ALA A 58 14.60 -7.58 -8.86
C ALA A 58 13.74 -8.08 -10.02
N GLU A 59 13.10 -9.24 -9.85
CA GLU A 59 12.18 -9.78 -10.85
C GLU A 59 10.75 -9.29 -10.63
N ILE A 60 10.30 -9.29 -9.37
CA ILE A 60 9.06 -8.63 -9.02
C ILE A 60 9.10 -7.23 -9.63
N LEU A 61 10.25 -6.54 -9.49
CA LEU A 61 10.44 -5.20 -10.06
C LEU A 61 10.43 -5.19 -11.58
N ALA A 62 11.00 -6.22 -12.19
CA ALA A 62 11.05 -6.35 -13.64
C ALA A 62 9.66 -6.56 -14.22
N VAL A 63 8.90 -7.44 -13.58
CA VAL A 63 7.53 -7.75 -14.03
C VAL A 63 6.72 -6.47 -14.16
N PHE A 64 6.88 -5.57 -13.17
CA PHE A 64 6.07 -4.36 -13.04
C PHE A 64 6.80 -3.06 -13.36
N SER A 65 7.82 -3.16 -14.20
CA SER A 65 8.71 -2.04 -14.48
C SER A 65 7.91 -0.87 -15.03
N LYS A 66 7.01 -1.16 -15.96
CA LYS A 66 6.22 -0.12 -16.66
C LYS A 66 5.19 0.55 -15.76
N GLU A 67 4.57 -0.22 -14.90
CA GLU A 67 3.56 0.35 -14.03
C GLU A 67 4.26 1.31 -13.13
N ILE A 68 5.41 0.87 -12.64
CA ILE A 68 6.26 1.66 -11.77
C ILE A 68 6.67 2.89 -12.49
N ALA A 69 7.20 2.70 -13.69
CA ALA A 69 7.58 3.81 -14.52
C ALA A 69 6.48 4.88 -14.56
N ASP A 70 5.26 4.45 -14.87
CA ASP A 70 4.17 5.39 -15.04
C ASP A 70 3.90 6.13 -13.76
N VAL A 71 3.82 5.40 -12.66
CA VAL A 71 3.50 6.01 -11.36
C VAL A 71 4.63 6.89 -10.88
N SER A 72 5.86 6.47 -11.15
CA SER A 72 7.01 7.31 -10.83
C SER A 72 6.91 8.59 -11.64
N ALA A 73 6.61 8.49 -12.94
CA ALA A 73 6.48 9.66 -13.83
C ALA A 73 5.39 10.63 -13.38
N ARG A 74 4.22 10.08 -13.09
CA ARG A 74 3.04 10.83 -12.61
C ARG A 74 3.35 11.77 -11.43
N ARG A 75 3.92 11.20 -10.37
CA ARG A 75 4.32 11.95 -9.18
C ARG A 75 5.82 12.31 -9.18
N GLY A 76 6.51 12.06 -10.29
CA GLY A 76 7.94 12.42 -10.45
C GLY A 76 8.86 11.77 -9.42
N TYR A 77 8.64 10.48 -9.13
CA TYR A 77 9.39 9.75 -8.10
C TYR A 77 10.75 9.20 -8.62
N LYS A 78 11.61 8.82 -7.67
CA LYS A 78 12.97 8.39 -7.99
C LYS A 78 13.12 6.85 -7.94
N ALA A 79 13.10 6.28 -6.72
CA ALA A 79 13.44 4.86 -6.53
C ALA A 79 12.29 3.96 -6.08
N HIS A 80 12.65 2.69 -5.93
CA HIS A 80 11.71 1.67 -5.53
C HIS A 80 12.49 0.53 -4.98
N ASP A 81 11.87 -0.24 -4.10
CA ASP A 81 12.43 -1.49 -3.61
C ASP A 81 11.31 -2.51 -3.31
N VAL A 82 11.63 -3.61 -2.62
CA VAL A 82 10.62 -4.55 -2.18
C VAL A 82 10.83 -5.01 -0.74
N ILE A 83 9.78 -4.94 0.07
CA ILE A 83 9.85 -5.56 1.39
C ILE A 83 8.74 -6.60 1.62
N SER A 84 9.12 -7.67 2.33
CA SER A 84 8.18 -8.70 2.75
C SER A 84 8.13 -8.71 4.26
N LEU A 85 6.91 -8.57 4.77
CA LEU A 85 6.65 -8.63 6.20
C LEU A 85 5.78 -9.86 6.47
N SER A 86 6.16 -10.59 7.49
CA SER A 86 5.52 -11.86 7.77
C SER A 86 6.12 -12.33 9.08
N ASN A 87 5.43 -13.24 9.76
CA ASN A 87 6.07 -14.05 10.80
C ASN A 87 7.27 -14.73 10.16
N SER A 88 8.40 -14.79 10.87
CA SER A 88 9.69 -15.17 10.26
C SER A 88 10.44 -13.96 9.61
N THR A 89 10.00 -12.76 9.97
CA THR A 89 10.84 -11.58 10.00
C THR A 89 11.13 -11.42 11.48
N PRO A 90 12.38 -11.66 11.90
CA PRO A 90 12.60 -11.63 13.35
C PRO A 90 12.22 -10.31 14.06
N ASN A 91 11.78 -9.29 13.31
CA ASN A 91 11.57 -7.96 13.87
C ASN A 91 10.24 -7.33 13.47
N LEU A 92 9.30 -8.17 13.03
CA LEU A 92 8.02 -7.68 12.54
C LEU A 92 7.38 -6.64 13.49
N ASP A 93 7.00 -7.10 14.68
CA ASP A 93 6.32 -6.25 15.68
C ASP A 93 6.98 -4.87 15.75
N GLU A 94 8.29 -4.89 15.97
CA GLU A 94 9.12 -3.73 16.27
C GLU A 94 9.23 -2.77 15.10
N LEU A 95 9.11 -3.27 13.87
CA LEU A 95 8.88 -2.42 12.68
C LEU A 95 7.50 -1.84 12.53
N LEU A 96 6.51 -2.71 12.58
CA LEU A 96 5.12 -2.31 12.44
C LEU A 96 4.71 -1.23 13.44
N ILE A 97 5.22 -1.31 14.67
CA ILE A 97 4.79 -0.40 15.74
C ILE A 97 5.02 1.07 15.40
N ASN A 98 6.11 1.33 14.68
CA ASN A 98 6.45 2.67 14.23
C ASN A 98 5.40 3.32 13.32
N PHE A 99 4.72 2.50 12.52
CA PHE A 99 3.78 2.99 11.49
C PHE A 99 2.30 2.73 11.81
N GLN A 100 2.08 2.05 12.92
CA GLN A 100 0.75 1.99 13.51
C GLN A 100 0.46 3.25 14.30
N LYS A 101 1.51 3.98 14.69
CA LYS A 101 1.33 5.27 15.32
C LYS A 101 0.95 6.27 14.24
N GLU A 102 -0.16 6.97 14.44
CA GLU A 102 -0.67 7.94 13.47
C GLU A 102 0.42 8.92 13.05
N HIS A 103 0.62 9.07 11.75
CA HIS A 103 1.69 9.93 11.25
C HIS A 103 1.36 10.42 9.87
N HIS A 104 2.21 11.34 9.38
CA HIS A 104 2.18 11.76 7.98
C HIS A 104 3.58 11.90 7.46
N HIS A 105 3.69 12.08 6.15
CA HIS A 105 4.97 12.25 5.47
C HIS A 105 4.86 13.52 4.62
N THR A 106 6.00 14.11 4.31
CA THR A 106 6.01 15.28 3.43
C THR A 106 6.00 14.87 1.96
N ASP A 107 5.90 13.58 1.70
CA ASP A 107 5.75 13.07 0.35
C ASP A 107 4.60 12.08 0.30
N ASP A 108 4.17 11.77 -0.90
CA ASP A 108 3.15 10.75 -1.04
C ASP A 108 3.80 9.46 -0.60
N GLU A 109 3.05 8.56 0.00
CA GLU A 109 3.58 7.24 0.31
C GLU A 109 2.93 6.34 -0.70
N VAL A 110 3.69 5.79 -1.63
CA VAL A 110 3.04 4.90 -2.59
C VAL A 110 3.54 3.46 -2.43
N ARG A 111 2.59 2.54 -2.52
CA ARG A 111 2.85 1.13 -2.26
C ARG A 111 1.97 0.28 -3.16
N PHE A 112 2.54 -0.81 -3.67
CA PHE A 112 1.78 -1.74 -4.46
C PHE A 112 1.86 -3.06 -3.75
N ILE A 113 0.73 -3.72 -3.58
CA ILE A 113 0.68 -4.95 -2.83
C ILE A 113 0.95 -6.12 -3.78
N VAL A 114 2.06 -6.80 -3.58
CA VAL A 114 2.43 -7.94 -4.44
C VAL A 114 1.78 -9.25 -3.98
N SER A 115 1.83 -9.50 -2.67
CA SER A 115 1.09 -10.62 -2.07
C SER A 115 0.74 -10.33 -0.60
N GLY A 116 -0.20 -11.10 -0.04
CA GLY A 116 -0.67 -10.82 1.31
C GLY A 116 -1.54 -9.58 1.28
N HIS A 117 -1.86 -9.07 2.47
CA HIS A 117 -2.80 -7.96 2.63
C HIS A 117 -2.28 -6.91 3.56
N GLY A 118 -2.90 -5.73 3.49
CA GLY A 118 -2.57 -4.61 4.38
C GLY A 118 -3.74 -3.64 4.53
N ILE A 119 -3.65 -2.73 5.50
CA ILE A 119 -4.70 -1.76 5.74
C ILE A 119 -4.03 -0.44 6.08
N PHE A 120 -4.42 0.58 5.34
CA PHE A 120 -4.02 1.95 5.60
C PHE A 120 -5.21 2.64 6.18
N ALA A 121 -5.11 3.09 7.42
CA ALA A 121 -6.16 3.87 8.03
C ALA A 121 -5.82 5.33 7.78
N ILE A 122 -6.64 6.06 7.02
CA ILE A 122 -6.25 7.39 6.53
C ILE A 122 -7.24 8.49 6.89
N GLU A 123 -6.75 9.58 7.45
CA GLU A 123 -7.64 10.68 7.82
C GLU A 123 -8.30 11.36 6.62
N GLY A 124 -9.62 11.23 6.53
CA GLY A 124 -10.41 11.83 5.45
C GLY A 124 -10.33 13.34 5.39
N LYS A 125 -10.90 13.94 4.34
CA LYS A 125 -10.92 15.39 4.17
C LYS A 125 -11.90 16.04 5.13
N ASP A 126 -13.09 15.47 5.23
CA ASP A 126 -14.09 15.88 6.22
C ASP A 126 -13.56 15.87 7.68
N GLY A 127 -12.63 14.96 7.96
CA GLY A 127 -12.05 14.81 9.30
C GLY A 127 -12.14 13.41 9.89
N THR A 128 -12.80 12.50 9.17
CA THR A 128 -13.02 11.15 9.67
C THR A 128 -12.10 10.14 9.00
N PHE A 129 -11.54 9.22 9.79
CA PHE A 129 -10.66 8.20 9.25
C PHE A 129 -11.43 7.14 8.50
N PHE A 130 -10.73 6.46 7.58
CA PHE A 130 -11.27 5.32 6.89
C PHE A 130 -10.18 4.35 6.53
N ASP A 131 -10.52 3.09 6.60
CA ASP A 131 -9.58 2.04 6.34
C ASP A 131 -9.60 1.73 4.88
N VAL A 132 -8.43 1.55 4.31
CA VAL A 132 -8.31 1.15 2.93
C VAL A 132 -7.64 -0.22 2.96
N GLU A 133 -8.46 -1.24 2.79
CA GLU A 133 -8.08 -2.64 2.93
C GLU A 133 -7.60 -3.10 1.59
N LEU A 134 -6.32 -3.51 1.54
CA LEU A 134 -5.61 -3.77 0.27
C LEU A 134 -5.27 -5.25 0.08
N GLU A 135 -5.46 -5.72 -1.15
CA GLU A 135 -5.16 -7.10 -1.55
C GLU A 135 -4.01 -7.04 -2.59
N PRO A 136 -3.49 -8.20 -3.03
CA PRO A 136 -2.50 -8.25 -4.12
C PRO A 136 -3.01 -7.57 -5.38
N GLY A 137 -2.20 -6.70 -5.98
CA GLY A 137 -2.65 -5.96 -7.15
C GLY A 137 -3.05 -4.51 -6.90
N ASP A 138 -3.22 -4.13 -5.64
CA ASP A 138 -3.65 -2.79 -5.29
C ASP A 138 -2.49 -1.83 -5.18
N LEU A 139 -2.52 -0.78 -5.99
CA LEU A 139 -1.60 0.35 -5.85
C LEU A 139 -2.31 1.48 -5.11
N ILE A 140 -1.58 2.08 -4.15
CA ILE A 140 -2.11 3.14 -3.32
C ILE A 140 -1.05 4.23 -3.07
N SER A 141 -1.48 5.46 -3.29
CA SER A 141 -0.67 6.59 -2.91
C SER A 141 -1.39 7.38 -1.83
N VAL A 142 -0.76 7.48 -0.67
CA VAL A 142 -1.23 8.30 0.42
C VAL A 142 -0.56 9.70 0.27
N PRO A 143 -1.36 10.74 0.00
CA PRO A 143 -0.81 12.07 -0.31
C PRO A 143 0.03 12.65 0.81
N GLU A 144 0.96 13.52 0.47
CA GLU A 144 1.73 14.14 1.51
C GLU A 144 0.77 14.86 2.46
N ASN A 145 1.09 14.79 3.76
CA ASN A 145 0.36 15.48 4.83
C ASN A 145 -0.96 14.84 5.26
N ALA A 146 -1.38 13.80 4.56
CA ALA A 146 -2.49 12.98 5.05
C ALA A 146 -2.02 12.25 6.30
N ARG A 147 -2.82 12.33 7.36
CA ARG A 147 -2.57 11.61 8.59
C ARG A 147 -3.10 10.20 8.47
N HIS A 148 -2.23 9.24 8.72
CA HIS A 148 -2.56 7.85 8.61
C HIS A 148 -1.75 6.98 9.51
N TYR A 149 -2.21 5.75 9.64
CA TYR A 149 -1.39 4.67 10.14
C TYR A 149 -1.62 3.43 9.27
N PHE A 150 -0.76 2.42 9.47
CA PHE A 150 -0.83 1.24 8.65
C PHE A 150 -0.89 -0.02 9.50
N THR A 151 -1.55 -1.04 8.96
CA THR A 151 -1.68 -2.30 9.67
C THR A 151 -1.82 -3.52 8.75
N LEU A 152 -1.21 -4.63 9.15
CA LEU A 152 -1.41 -5.88 8.44
C LEU A 152 -2.81 -6.44 8.75
N GLN A 153 -3.36 -7.26 7.87
CA GLN A 153 -4.67 -7.81 8.13
C GLN A 153 -4.50 -9.02 9.03
N ASP A 154 -5.61 -9.71 9.29
CA ASP A 154 -5.66 -10.95 10.07
C ASP A 154 -4.62 -11.99 9.61
N ASP A 155 -4.27 -11.98 8.31
CA ASP A 155 -3.21 -12.88 7.81
C ASP A 155 -1.78 -12.56 8.31
N ARG A 156 -1.54 -11.32 8.73
CA ARG A 156 -0.25 -10.91 9.30
C ARG A 156 0.96 -11.07 8.36
N GLN A 157 0.72 -10.92 7.06
CA GLN A 157 1.82 -10.96 6.09
C GLN A 157 1.55 -10.06 4.90
N VAL A 158 2.55 -9.27 4.54
CA VAL A 158 2.50 -8.47 3.33
C VAL A 158 3.83 -8.51 2.60
N VAL A 159 3.75 -8.42 1.27
CA VAL A 159 4.88 -8.04 0.41
C VAL A 159 4.45 -6.82 -0.43
N ALA A 160 5.17 -5.70 -0.29
CA ALA A 160 4.81 -4.48 -1.01
C ALA A 160 5.99 -3.92 -1.83
N ILE A 161 5.67 -3.12 -2.84
CA ILE A 161 6.72 -2.37 -3.54
C ILE A 161 6.66 -0.95 -3.02
N ARG A 162 7.70 -0.59 -2.29
CA ARG A 162 7.83 0.75 -1.81
C ARG A 162 8.42 1.55 -2.95
N ILE A 163 7.61 2.47 -3.47
CA ILE A 163 8.08 3.42 -4.46
C ILE A 163 8.30 4.77 -3.78
N PHE A 164 9.23 5.58 -4.28
CA PHE A 164 9.72 6.75 -3.55
C PHE A 164 9.80 8.04 -4.37
N VAL A 165 9.15 9.09 -3.86
CA VAL A 165 9.36 10.45 -4.34
C VAL A 165 10.78 10.91 -3.95
N THR A 166 11.12 10.80 -2.68
CA THR A 166 12.45 11.16 -2.17
C THR A 166 12.91 10.14 -1.14
N THR A 167 14.21 10.16 -0.85
CA THR A 167 14.77 9.32 0.19
C THR A 167 14.19 9.68 1.56
N GLU A 168 13.95 10.96 1.79
CA GLU A 168 13.58 11.45 3.11
C GLU A 168 12.08 11.41 3.42
N GLY A 169 11.30 10.85 2.51
CA GLY A 169 9.85 10.82 2.64
C GLY A 169 9.13 9.59 3.12
N TRP A 170 9.83 8.55 3.58
CA TRP A 170 9.14 7.44 4.24
C TRP A 170 9.12 7.73 5.69
N VAL A 171 9.97 8.66 6.09
CA VAL A 171 10.10 9.14 7.46
C VAL A 171 8.75 9.61 8.04
N PRO A 172 8.31 8.97 9.15
CA PRO A 172 7.08 9.40 9.83
C PRO A 172 7.20 10.72 10.60
N ILE A 173 6.22 11.59 10.39
CA ILE A 173 6.08 12.81 11.16
C ILE A 173 4.88 12.61 12.07
N TYR A 174 5.18 12.26 13.31
CA TYR A 174 4.18 12.00 14.34
C TYR A 174 3.44 13.27 14.81
CD CD B . 3.09 6.04 6.49
#